data_8TNS
#
_entry.id   8TNS
#
_entity_poly.entity_id   1
_entity_poly.type   'polyribonucleotide'
_entity_poly.pdbx_seq_one_letter_code
;GUGUGUGUGUGUGUGUGUGUGUGU
;
_entity_poly.pdbx_strand_id   A
#
loop_
_chem_comp.id
_chem_comp.type
_chem_comp.name
_chem_comp.formula
G RNA linking GUANOSINE-5'-MONOPHOSPHATE 'C10 H14 N5 O8 P'
U RNA linking URIDINE-5'-MONOPHOSPHATE 'C9 H13 N2 O9 P'
#